data_1U4S
#
_entry.id   1U4S
#
_cell.length_a   80.094
_cell.length_b   86.096
_cell.length_c   91.327
_cell.angle_alpha   90.00
_cell.angle_beta   90.00
_cell.angle_gamma   90.00
#
_symmetry.space_group_name_H-M   'I 2 2 2'
#
loop_
_entity.id
_entity.type
_entity.pdbx_description
1 polymer 'L-lactate dehydrogenase'
2 non-polymer 'NAPHTHALENE-2,6-DISULFONIC ACID'
3 water water
#
_entity_poly.entity_id   1
_entity_poly.type   'polypeptide(L)'
_entity_poly.pdbx_seq_one_letter_code
;APKAKIVLVGSGMIGGVMATLIVQKNLGDVVLFDIVKNMPHGKALDTSHTNVMAYSNCKVSGSNTYDDLAGADVVIVTAG
FTKAPGKSDKEWNRDDLLPLNNKIMIEIGGHIKKNCPNAFIIVVTNPVDVMVQLLHQHSGVPKNKIIGLGGVLDTSRLKY
YISQKLNVCPRDVNAHIVGAHGNKMVLLKRYITVGGIPLQEFINNKLISDAELEAIFDRTVNTALEIVNLHASPYVAPAA
AIIEMAESYLKDLKKVLICSTLLEGQYGHSDIFGGTPVVLGANGVEQVIELQLNSEEKAKFDEAIAETKRMKALAHHHHH
H
;
_entity_poly.pdbx_strand_id   A
#
loop_
_chem_comp.id
_chem_comp.type
_chem_comp.name
_chem_comp.formula
BIH non-polymer 'NAPHTHALENE-2,6-DISULFONIC ACID' 'C10 H8 O6 S2'
#
# COMPACT_ATOMS: atom_id res chain seq x y z
N ALA A 1 2.01 -16.02 21.67
CA ALA A 1 1.98 -14.81 22.55
C ALA A 1 0.98 -13.77 22.02
N PRO A 2 0.45 -12.95 22.91
CA PRO A 2 -0.18 -11.68 22.53
C PRO A 2 0.70 -10.72 21.74
N LYS A 3 1.94 -11.08 21.38
CA LYS A 3 2.56 -10.43 20.22
C LYS A 3 1.58 -10.63 19.04
N ALA A 4 1.46 -9.60 18.23
CA ALA A 4 0.80 -9.73 16.94
C ALA A 4 1.46 -10.80 16.10
N LYS A 5 0.65 -11.53 15.33
CA LYS A 5 1.15 -12.44 14.30
C LYS A 5 0.91 -11.76 12.93
N ILE A 6 1.97 -11.55 12.16
CA ILE A 6 1.91 -10.87 10.87
C ILE A 6 2.29 -11.85 9.82
N VAL A 7 1.38 -12.16 8.91
CA VAL A 7 1.65 -13.18 7.89
C VAL A 7 1.82 -12.46 6.53
N LEU A 8 2.98 -12.65 5.92
CA LEU A 8 3.34 -12.07 4.65
C LEU A 8 3.08 -13.14 3.60
N VAL A 9 1.94 -13.03 2.92
CA VAL A 9 1.57 -13.96 1.81
C VAL A 9 2.29 -13.47 0.56
N GLY A 10 3.44 -14.09 0.33
CA GLY A 10 4.41 -13.70 -0.68
C GLY A 10 5.70 -13.28 0.00
N SER A 11 6.79 -13.97 -0.31
CA SER A 11 8.09 -13.77 0.32
C SER A 11 9.15 -13.33 -0.70
N GLY A 12 8.75 -12.49 -1.64
CA GLY A 12 9.67 -11.92 -2.60
C GLY A 12 10.43 -10.75 -1.99
N MET A 13 10.81 -9.79 -2.85
CA MET A 13 11.64 -8.68 -2.43
C MET A 13 10.90 -7.76 -1.47
N ILE A 14 9.63 -7.45 -1.75
CA ILE A 14 8.84 -6.62 -0.85
C ILE A 14 8.68 -7.35 0.50
N GLY A 15 8.35 -8.63 0.45
CA GLY A 15 8.22 -9.46 1.63
C GLY A 15 9.50 -9.45 2.46
N GLY A 16 10.66 -9.54 1.82
CA GLY A 16 11.91 -9.64 2.55
C GLY A 16 12.27 -8.34 3.25
N VAL A 17 11.92 -7.04 2.64
CA VAL A 17 12.19 -5.78 3.39
C VAL A 17 11.15 -5.62 4.50
N MET A 18 9.92 -6.09 4.26
CA MET A 18 8.87 -5.98 5.26
C MET A 18 9.28 -6.77 6.50
N ALA A 19 9.80 -7.99 6.32
CA ALA A 19 10.18 -8.82 7.48
C ALA A 19 11.28 -8.10 8.28
N THR A 20 12.26 -7.61 7.54
CA THR A 20 13.38 -6.88 8.13
C THR A 20 12.94 -5.69 8.98
N LEU A 21 12.03 -4.89 8.45
CA LEU A 21 11.51 -3.71 9.15
C LEU A 21 10.61 -4.08 10.35
N ILE A 22 9.87 -5.17 10.27
CA ILE A 22 9.06 -5.61 11.42
C ILE A 22 9.97 -5.91 12.61
N VAL A 23 11.07 -6.59 12.35
CA VAL A 23 12.05 -6.90 13.37
C VAL A 23 12.75 -5.64 13.90
N GLN A 24 13.23 -4.77 13.00
CA GLN A 24 13.83 -3.50 13.39
C GLN A 24 12.89 -2.77 14.34
N LYS A 25 11.60 -2.82 14.07
CA LYS A 25 10.60 -2.09 14.86
C LYS A 25 9.92 -2.96 15.92
N ASN A 26 10.32 -4.22 16.05
CA ASN A 26 9.76 -5.14 17.04
C ASN A 26 8.23 -5.19 17.02
N LEU A 27 7.66 -5.25 15.82
CA LEU A 27 6.23 -5.05 15.64
C LEU A 27 5.40 -6.29 15.93
N GLY A 28 5.98 -7.46 15.73
CA GLY A 28 5.29 -8.72 16.00
C GLY A 28 6.04 -9.89 15.41
N ASP A 29 5.54 -11.10 15.67
CA ASP A 29 6.05 -12.29 15.02
C ASP A 29 5.71 -12.22 13.55
N VAL A 30 6.63 -12.84 12.65
CA VAL A 30 6.47 -12.80 11.21
C VAL A 30 6.46 -14.20 10.64
N VAL A 31 5.52 -14.44 9.72
CA VAL A 31 5.57 -15.60 8.85
C VAL A 31 5.76 -15.13 7.41
N LEU A 32 6.86 -15.55 6.82
CA LEU A 32 7.11 -15.44 5.41
C LEU A 32 6.53 -16.65 4.68
N PHE A 33 5.34 -16.47 4.09
CA PHE A 33 4.69 -17.55 3.38
C PHE A 33 4.98 -17.37 1.90
N ASP A 34 5.21 -18.48 1.22
CA ASP A 34 5.28 -18.47 -0.22
C ASP A 34 5.00 -19.86 -0.80
N ILE A 35 4.61 -19.90 -2.08
CA ILE A 35 4.42 -21.18 -2.76
C ILE A 35 5.76 -21.79 -3.16
N VAL A 36 6.84 -21.01 -3.22
CA VAL A 36 8.16 -21.56 -3.54
C VAL A 36 8.70 -22.33 -2.33
N LYS A 37 9.05 -23.60 -2.55
CA LYS A 37 9.59 -24.47 -1.52
C LYS A 37 10.90 -23.88 -0.95
N ASN A 38 10.93 -23.83 0.39
CA ASN A 38 12.12 -23.59 1.24
C ASN A 38 12.70 -22.18 1.30
N MET A 39 12.64 -21.47 0.20
CA MET A 39 13.10 -20.10 0.09
C MET A 39 12.63 -19.22 1.27
N PRO A 40 11.33 -19.20 1.60
CA PRO A 40 10.90 -18.40 2.75
C PRO A 40 11.49 -18.87 4.07
N HIS A 41 11.71 -20.17 4.26
CA HIS A 41 12.47 -20.63 5.43
C HIS A 41 13.89 -20.04 5.46
N GLY A 42 14.54 -19.95 4.29
CA GLY A 42 15.88 -19.40 4.20
C GLY A 42 15.93 -17.91 4.52
N LYS A 43 15.03 -17.14 3.93
CA LYS A 43 14.92 -15.72 4.22
C LYS A 43 14.57 -15.49 5.67
N ALA A 44 13.72 -16.37 6.19
CA ALA A 44 13.23 -16.17 7.57
C ALA A 44 14.38 -16.37 8.54
N LEU A 45 15.19 -17.37 8.27
CA LEU A 45 16.37 -17.68 9.06
C LEU A 45 17.36 -16.51 9.10
N ASP A 46 17.73 -16.04 7.91
CA ASP A 46 18.58 -14.87 7.75
C ASP A 46 18.06 -13.71 8.60
N THR A 47 16.79 -13.42 8.44
CA THR A 47 16.17 -12.29 9.10
C THR A 47 16.10 -12.45 10.61
N SER A 48 15.84 -13.67 11.07
CA SER A 48 15.73 -13.91 12.52
C SER A 48 16.95 -13.49 13.35
N HIS A 49 18.16 -13.66 12.79
CA HIS A 49 19.38 -13.30 13.49
C HIS A 49 19.47 -11.79 13.81
N THR A 50 18.76 -10.94 13.03
CA THR A 50 18.77 -9.50 13.28
C THR A 50 18.11 -9.08 14.60
N ASN A 51 17.38 -10.02 15.23
CA ASN A 51 16.83 -9.75 16.54
C ASN A 51 17.95 -9.32 17.49
N VAL A 52 19.14 -9.90 17.29
CA VAL A 52 20.27 -9.61 18.16
C VAL A 52 20.72 -8.19 17.99
N MET A 53 21.00 -7.81 16.73
CA MET A 53 21.47 -6.47 16.41
C MET A 53 20.46 -5.40 16.77
N ALA A 54 19.17 -5.74 16.72
CA ALA A 54 18.09 -4.77 16.88
C ALA A 54 17.56 -4.70 18.33
N TYR A 55 17.99 -5.62 19.20
CA TYR A 55 17.46 -5.71 20.56
C TYR A 55 15.95 -6.04 20.55
N SER A 56 15.56 -6.84 19.57
CA SER A 56 14.16 -7.17 19.38
C SER A 56 13.92 -8.61 19.84
N ASN A 57 12.65 -9.00 19.87
CA ASN A 57 12.25 -10.40 20.06
C ASN A 57 11.00 -10.77 19.22
N CYS A 58 11.20 -10.82 17.91
CA CYS A 58 10.17 -11.29 16.99
C CYS A 58 10.61 -12.57 16.36
N LYS A 59 9.77 -13.60 16.45
CA LYS A 59 10.00 -14.80 15.69
C LYS A 59 9.79 -14.48 14.21
N VAL A 60 10.62 -15.07 13.37
CA VAL A 60 10.47 -14.98 11.93
C VAL A 60 10.58 -16.40 11.40
N SER A 61 9.50 -16.89 10.82
CA SER A 61 9.44 -18.26 10.35
C SER A 61 8.95 -18.26 8.93
N GLY A 62 9.35 -19.27 8.21
CA GLY A 62 8.92 -19.49 6.82
C GLY A 62 7.76 -20.44 6.86
N SER A 63 7.03 -20.49 5.75
CA SER A 63 5.88 -21.35 5.60
C SER A 63 5.59 -21.57 4.11
N ASN A 64 5.31 -23.04 3.83
CA ASN A 64 4.76 -23.31 2.53
C ASN A 64 3.32 -23.83 2.68
N THR A 65 2.66 -23.47 3.78
CA THR A 65 1.36 -24.01 4.16
C THR A 65 0.35 -22.91 4.51
N TYR A 66 -0.72 -22.83 3.72
CA TYR A 66 -1.73 -21.79 3.91
C TYR A 66 -2.34 -21.80 5.29
N ASP A 67 -2.45 -22.98 5.92
CA ASP A 67 -3.10 -23.04 7.22
C ASP A 67 -2.29 -22.24 8.28
N ASP A 68 -1.04 -21.86 8.00
CA ASP A 68 -0.30 -21.01 8.93
C ASP A 68 -0.87 -19.57 8.99
N LEU A 69 -1.89 -19.28 8.17
CA LEU A 69 -2.68 -18.06 8.32
C LEU A 69 -3.47 -18.02 9.63
N ALA A 70 -3.64 -19.16 10.28
CA ALA A 70 -4.45 -19.23 11.49
C ALA A 70 -3.89 -18.33 12.56
N GLY A 71 -4.78 -17.53 13.12
CA GLY A 71 -4.42 -16.60 14.18
C GLY A 71 -3.70 -15.36 13.74
N ALA A 72 -3.56 -15.11 12.44
CA ALA A 72 -2.92 -13.89 11.98
C ALA A 72 -3.74 -12.68 12.39
N ASP A 73 -3.05 -11.69 12.96
CA ASP A 73 -3.60 -10.38 13.20
C ASP A 73 -3.55 -9.47 11.99
N VAL A 74 -2.48 -9.59 11.23
CA VAL A 74 -2.29 -8.78 10.03
C VAL A 74 -1.80 -9.70 8.93
N VAL A 75 -2.39 -9.57 7.74
CA VAL A 75 -1.99 -10.33 6.57
C VAL A 75 -1.64 -9.36 5.43
N ILE A 76 -0.47 -9.56 4.84
CA ILE A 76 -0.02 -8.68 3.76
C ILE A 76 0.26 -9.49 2.50
N VAL A 77 -0.47 -9.15 1.45
CA VAL A 77 -0.53 -9.93 0.25
C VAL A 77 0.29 -9.26 -0.87
N THR A 78 1.43 -9.87 -1.21
CA THR A 78 2.23 -9.48 -2.38
C THR A 78 2.28 -10.53 -3.46
N ALA A 79 1.73 -11.71 -3.20
CA ALA A 79 1.76 -12.77 -4.20
C ALA A 79 0.98 -12.35 -5.46
N GLY A 80 1.50 -12.77 -6.61
CA GLY A 80 0.81 -12.57 -7.86
C GLY A 80 1.80 -12.60 -9.00
N PHE A 81 1.31 -12.92 -10.20
CA PHE A 81 2.14 -12.77 -11.40
C PHE A 81 2.38 -11.29 -11.74
N THR A 82 3.63 -11.02 -12.12
CA THR A 82 4.03 -9.74 -12.65
C THR A 82 4.55 -9.85 -14.11
N LYS A 83 4.82 -11.07 -14.58
CA LYS A 83 5.42 -11.29 -15.91
C LYS A 83 4.69 -12.39 -16.70
N ASN A 93 0.40 -9.35 -22.15
CA ASN A 93 0.50 -8.03 -21.54
C ASN A 93 -0.03 -7.96 -20.10
N ARG A 94 0.09 -6.78 -19.47
CA ARG A 94 -0.44 -6.52 -18.13
C ARG A 94 -1.89 -7.01 -17.93
N ASP A 95 -2.79 -6.66 -18.86
CA ASP A 95 -4.16 -7.12 -18.76
C ASP A 95 -4.34 -8.64 -18.76
N ASP A 96 -3.47 -9.38 -19.45
CA ASP A 96 -3.61 -10.87 -19.53
C ASP A 96 -3.38 -11.53 -18.17
N LEU A 97 -2.66 -10.85 -17.30
CA LEU A 97 -2.38 -11.35 -15.96
C LEU A 97 -3.57 -11.21 -15.03
N LEU A 98 -4.51 -10.34 -15.40
CA LEU A 98 -5.66 -10.03 -14.55
C LEU A 98 -6.44 -11.25 -14.05
N PRO A 99 -6.89 -12.13 -14.93
CA PRO A 99 -7.66 -13.30 -14.46
C PRO A 99 -6.80 -14.29 -13.68
N LEU A 100 -5.52 -14.36 -13.99
CA LEU A 100 -4.57 -15.22 -13.26
C LEU A 100 -4.42 -14.75 -11.82
N ASN A 101 -4.30 -13.42 -11.63
CA ASN A 101 -4.15 -12.90 -10.30
C ASN A 101 -5.46 -12.92 -9.51
N ASN A 102 -6.61 -12.79 -10.21
CA ASN A 102 -7.91 -12.99 -9.61
C ASN A 102 -7.99 -14.38 -8.96
N LYS A 103 -7.54 -15.41 -9.69
CA LYS A 103 -7.48 -16.79 -9.17
C LYS A 103 -6.63 -16.83 -7.88
N ILE A 104 -5.48 -16.17 -7.88
CA ILE A 104 -4.67 -16.08 -6.67
C ILE A 104 -5.44 -15.40 -5.50
N MET A 105 -6.18 -14.32 -5.78
CA MET A 105 -6.93 -13.61 -4.73
C MET A 105 -8.04 -14.48 -4.15
N ILE A 106 -8.68 -15.25 -5.03
CA ILE A 106 -9.71 -16.19 -4.66
C ILE A 106 -9.17 -17.24 -3.72
N GLU A 107 -8.06 -17.86 -4.10
CA GLU A 107 -7.46 -18.89 -3.27
C GLU A 107 -7.04 -18.31 -1.91
N ILE A 108 -6.44 -17.10 -1.90
CA ILE A 108 -6.01 -16.51 -0.63
C ILE A 108 -7.19 -16.14 0.21
N GLY A 109 -8.21 -15.55 -0.40
CA GLY A 109 -9.41 -15.17 0.31
C GLY A 109 -10.10 -16.30 0.98
N GLY A 110 -10.21 -17.44 0.29
CA GLY A 110 -10.69 -18.65 0.91
C GLY A 110 -9.97 -19.03 2.21
N HIS A 111 -8.65 -19.03 2.17
CA HIS A 111 -7.84 -19.36 3.35
C HIS A 111 -7.95 -18.34 4.48
N ILE A 112 -8.09 -17.06 4.11
CA ILE A 112 -8.33 -16.03 5.12
C ILE A 112 -9.68 -16.22 5.80
N LYS A 113 -10.71 -16.50 5.00
CA LYS A 113 -12.04 -16.69 5.54
C LYS A 113 -12.03 -17.87 6.52
N LYS A 114 -11.33 -18.94 6.17
CA LYS A 114 -11.27 -20.12 7.03
C LYS A 114 -10.37 -19.90 8.27
N ASN A 115 -9.17 -19.35 8.06
CA ASN A 115 -8.15 -19.36 9.09
C ASN A 115 -8.04 -18.10 9.97
N CYS A 116 -8.32 -16.93 9.41
CA CYS A 116 -8.17 -15.68 10.13
C CYS A 116 -9.16 -14.62 9.62
N PRO A 117 -10.46 -14.86 9.86
CA PRO A 117 -11.51 -13.94 9.40
C PRO A 117 -11.45 -12.59 10.09
N ASN A 118 -10.78 -12.53 11.24
CA ASN A 118 -10.64 -11.30 11.98
C ASN A 118 -9.33 -10.54 11.71
N ALA A 119 -8.51 -11.02 10.79
CA ALA A 119 -7.30 -10.32 10.36
C ALA A 119 -7.57 -9.01 9.63
N PHE A 120 -6.64 -8.06 9.83
CA PHE A 120 -6.53 -6.83 9.05
C PHE A 120 -5.63 -7.13 7.85
N ILE A 121 -6.14 -6.82 6.66
CA ILE A 121 -5.55 -7.23 5.42
C ILE A 121 -5.09 -5.99 4.62
N ILE A 122 -3.87 -6.10 4.10
CA ILE A 122 -3.28 -5.10 3.25
C ILE A 122 -2.87 -5.81 1.96
N VAL A 123 -3.40 -5.31 0.83
CA VAL A 123 -3.15 -5.87 -0.46
C VAL A 123 -2.18 -5.00 -1.24
N VAL A 124 -1.20 -5.64 -1.88
CA VAL A 124 -0.17 -4.94 -2.66
C VAL A 124 -0.20 -5.33 -4.15
N THR A 125 -0.54 -6.59 -4.41
CA THR A 125 -0.65 -7.13 -5.74
C THR A 125 -1.33 -6.18 -6.72
N ASN A 126 -0.66 -5.89 -7.83
CA ASN A 126 -1.22 -4.95 -8.79
C ASN A 126 -2.07 -5.61 -9.88
N PRO A 127 -3.03 -4.88 -10.44
CA PRO A 127 -3.37 -3.48 -10.04
C PRO A 127 -4.13 -3.49 -8.71
N VAL A 128 -3.57 -2.78 -7.73
CA VAL A 128 -3.97 -2.94 -6.36
C VAL A 128 -5.45 -2.64 -6.15
N ASP A 129 -5.98 -1.60 -6.81
CA ASP A 129 -7.36 -1.17 -6.54
C ASP A 129 -8.38 -2.21 -7.03
N VAL A 130 -7.98 -2.98 -8.04
CA VAL A 130 -8.72 -4.14 -8.49
C VAL A 130 -8.56 -5.33 -7.51
N MET A 131 -7.32 -5.74 -7.23
CA MET A 131 -7.04 -6.96 -6.45
C MET A 131 -7.57 -6.87 -5.03
N VAL A 132 -7.58 -5.66 -4.46
CA VAL A 132 -7.99 -5.50 -3.09
C VAL A 132 -9.48 -5.78 -2.98
N GLN A 133 -10.27 -5.34 -3.97
CA GLN A 133 -11.70 -5.57 -3.94
C GLN A 133 -12.03 -7.06 -4.16
N LEU A 134 -11.32 -7.69 -5.07
CA LEU A 134 -11.46 -9.12 -5.31
C LEU A 134 -11.16 -9.89 -4.01
N LEU A 135 -10.11 -9.51 -3.32
CA LEU A 135 -9.80 -10.21 -2.08
C LEU A 135 -10.84 -9.94 -1.03
N HIS A 136 -11.31 -8.69 -0.99
CA HIS A 136 -12.37 -8.30 -0.07
C HIS A 136 -13.60 -9.24 -0.26
N GLN A 137 -14.00 -9.39 -1.51
CA GLN A 137 -15.16 -10.22 -1.89
C GLN A 137 -14.96 -11.72 -1.55
N HIS A 138 -13.76 -12.27 -1.78
CA HIS A 138 -13.53 -13.70 -1.54
C HIS A 138 -13.11 -14.06 -0.12
N SER A 139 -12.63 -13.08 0.66
CA SER A 139 -12.22 -13.32 2.04
C SER A 139 -13.40 -13.12 3.00
N GLY A 140 -14.40 -12.35 2.57
CA GLY A 140 -15.55 -12.03 3.39
C GLY A 140 -15.33 -11.07 4.54
N VAL A 141 -14.13 -10.43 4.63
CA VAL A 141 -13.84 -9.60 5.78
C VAL A 141 -14.61 -8.26 5.70
N PRO A 142 -14.84 -7.65 6.83
CA PRO A 142 -15.51 -6.34 6.85
C PRO A 142 -14.71 -5.25 6.08
N LYS A 143 -15.44 -4.31 5.49
CA LYS A 143 -14.87 -3.23 4.69
C LYS A 143 -13.81 -2.40 5.42
N ASN A 144 -13.89 -2.32 6.75
CA ASN A 144 -12.90 -1.57 7.54
C ASN A 144 -11.64 -2.36 7.87
N LYS A 145 -11.53 -3.60 7.38
CA LYS A 145 -10.44 -4.51 7.75
C LYS A 145 -9.61 -4.92 6.57
N ILE A 146 -9.84 -4.28 5.43
CA ILE A 146 -9.00 -4.53 4.29
C ILE A 146 -8.74 -3.26 3.50
N ILE A 147 -7.47 -3.07 3.14
CA ILE A 147 -7.04 -1.90 2.38
C ILE A 147 -5.96 -2.27 1.39
N GLY A 148 -5.73 -1.37 0.44
CA GLY A 148 -4.72 -1.57 -0.59
C GLY A 148 -3.63 -0.53 -0.49
N LEU A 149 -2.40 -0.94 -0.79
CA LEU A 149 -1.29 -0.01 -0.90
C LEU A 149 -1.41 0.90 -2.14
N GLY A 150 -1.31 2.21 -1.94
CA GLY A 150 -1.18 3.14 -3.04
C GLY A 150 -0.62 4.48 -2.60
N GLY A 151 -1.49 5.31 -2.04
CA GLY A 151 -1.21 6.72 -1.78
C GLY A 151 -0.03 7.01 -0.87
N VAL A 152 0.21 6.18 0.14
CA VAL A 152 1.35 6.36 1.02
C VAL A 152 2.64 6.30 0.19
N LEU A 153 2.69 5.31 -0.67
CA LEU A 153 3.85 5.12 -1.54
C LEU A 153 3.99 6.19 -2.66
N ASP A 154 2.93 6.43 -3.41
CA ASP A 154 2.92 7.46 -4.45
C ASP A 154 3.25 8.83 -3.87
N THR A 155 2.63 9.20 -2.74
CA THR A 155 2.95 10.50 -2.13
C THR A 155 4.36 10.59 -1.56
N SER A 156 4.95 9.48 -1.16
CA SER A 156 6.33 9.52 -0.66
C SER A 156 7.25 10.07 -1.74
N ARG A 157 7.00 9.71 -3.00
CA ARG A 157 7.80 10.19 -4.08
C ARG A 157 7.61 11.70 -4.24
N LEU A 158 6.36 12.14 -4.29
CA LEU A 158 6.04 13.56 -4.50
C LEU A 158 6.59 14.40 -3.36
N LYS A 159 6.31 13.96 -2.12
CA LYS A 159 6.82 14.63 -0.94
C LYS A 159 8.36 14.72 -0.99
N TYR A 160 9.00 13.61 -1.26
CA TYR A 160 10.46 13.59 -1.33
C TYR A 160 11.01 14.55 -2.39
N TYR A 161 10.47 14.50 -3.60
CA TYR A 161 11.03 15.33 -4.68
C TYR A 161 10.89 16.81 -4.37
N ILE A 162 9.75 17.19 -3.83
CA ILE A 162 9.55 18.59 -3.43
C ILE A 162 10.50 19.03 -2.30
N SER A 163 10.70 18.14 -1.34
CA SER A 163 11.52 18.43 -0.17
C SER A 163 12.98 18.64 -0.58
N GLN A 164 13.39 17.98 -1.65
CA GLN A 164 14.77 18.16 -2.10
C GLN A 164 14.95 19.49 -2.79
N LYS A 165 13.94 19.91 -3.56
CA LYS A 165 14.00 21.22 -4.19
C LYS A 165 13.99 22.32 -3.11
N LEU A 166 13.15 22.14 -2.10
CA LEU A 166 12.93 23.17 -1.10
C LEU A 166 13.92 23.14 0.06
N ASN A 167 14.78 22.12 0.08
CA ASN A 167 15.75 21.91 1.17
C ASN A 167 15.11 21.84 2.55
N VAL A 168 14.05 21.03 2.67
CA VAL A 168 13.41 20.77 3.96
C VAL A 168 13.32 19.28 4.28
N CYS A 169 13.07 18.95 5.55
CA CYS A 169 12.85 17.57 5.95
C CYS A 169 11.76 16.90 5.08
N PRO A 170 12.04 15.78 4.44
CA PRO A 170 11.04 15.13 3.57
C PRO A 170 9.63 14.98 4.15
N ARG A 171 9.52 14.58 5.41
CA ARG A 171 8.26 14.40 6.11
C ARG A 171 7.45 15.69 6.26
N ASP A 172 8.15 16.84 6.22
CA ASP A 172 7.49 18.13 6.31
C ASP A 172 6.72 18.55 5.05
N VAL A 173 6.93 17.85 3.93
CA VAL A 173 6.06 18.03 2.78
C VAL A 173 4.89 17.04 2.93
N ASN A 174 3.68 17.55 2.82
CA ASN A 174 2.52 16.70 2.79
C ASN A 174 1.79 16.88 1.45
N ALA A 175 1.12 15.83 1.00
CA ALA A 175 0.57 15.81 -0.36
C ALA A 175 -0.42 14.69 -0.50
N HIS A 176 -1.35 14.88 -1.41
CA HIS A 176 -2.42 13.90 -1.65
C HIS A 176 -2.43 13.43 -3.09
N ILE A 177 -2.39 12.11 -3.25
CA ILE A 177 -2.61 11.45 -4.53
C ILE A 177 -3.70 10.43 -4.31
N VAL A 178 -4.73 10.53 -5.14
CA VAL A 178 -5.94 9.77 -4.94
C VAL A 178 -6.43 9.02 -6.19
N GLY A 179 -7.55 8.31 -6.04
CA GLY A 179 -8.22 7.65 -7.12
C GLY A 179 -7.78 6.22 -7.29
N ALA A 180 -6.58 6.05 -7.83
CA ALA A 180 -5.96 4.75 -8.02
C ALA A 180 -4.44 4.82 -7.94
N HIS A 181 -3.83 3.66 -7.71
CA HIS A 181 -2.41 3.47 -7.85
C HIS A 181 -2.26 3.30 -9.37
N GLY A 182 -1.09 3.49 -9.90
CA GLY A 182 -0.86 3.34 -11.31
C GLY A 182 -0.93 4.64 -12.07
N ASN A 183 -0.89 4.51 -13.40
CA ASN A 183 -0.79 5.64 -14.30
C ASN A 183 -1.94 6.66 -14.24
N LYS A 184 -3.10 6.26 -13.72
CA LYS A 184 -4.22 7.19 -13.56
C LYS A 184 -4.31 7.88 -12.19
N MET A 185 -3.27 7.74 -11.37
CA MET A 185 -3.21 8.37 -10.06
C MET A 185 -3.46 9.86 -10.24
N VAL A 186 -4.23 10.44 -9.31
CA VAL A 186 -4.64 11.84 -9.36
C VAL A 186 -3.81 12.62 -8.37
N LEU A 187 -2.84 13.39 -8.88
CA LEU A 187 -2.01 14.27 -8.04
C LEU A 187 -2.73 15.60 -7.83
N LEU A 188 -2.94 15.96 -6.60
CA LEU A 188 -3.71 17.16 -6.26
C LEU A 188 -2.81 18.29 -5.78
N LYS A 189 -2.44 19.15 -6.72
CA LYS A 189 -1.57 20.29 -6.46
C LYS A 189 -2.04 21.19 -5.33
N ARG A 190 -3.34 21.41 -5.30
CA ARG A 190 -4.00 22.24 -4.30
C ARG A 190 -3.84 21.74 -2.85
N TYR A 191 -3.66 20.44 -2.68
CA TYR A 191 -3.44 19.83 -1.36
C TYR A 191 -1.96 19.55 -1.00
N ILE A 192 -1.02 20.29 -1.57
CA ILE A 192 0.36 20.13 -1.15
C ILE A 192 0.73 21.21 -0.13
N THR A 193 1.36 20.80 0.96
CA THR A 193 1.83 21.77 1.96
C THR A 193 3.31 21.51 2.29
N VAL A 194 3.96 22.55 2.79
CA VAL A 194 5.32 22.48 3.28
C VAL A 194 5.36 23.07 4.66
N GLY A 195 5.74 22.25 5.64
CA GLY A 195 5.58 22.59 7.04
C GLY A 195 4.20 23.15 7.39
N GLY A 196 3.15 22.61 6.75
CA GLY A 196 1.74 22.95 7.00
C GLY A 196 1.28 24.18 6.21
N ILE A 197 2.20 24.78 5.43
CA ILE A 197 1.97 26.04 4.73
C ILE A 197 1.61 25.67 3.30
N PRO A 198 0.58 26.27 2.69
CA PRO A 198 0.24 25.89 1.32
C PRO A 198 1.44 26.08 0.36
N LEU A 199 1.62 25.14 -0.54
CA LEU A 199 2.72 25.19 -1.48
C LEU A 199 2.64 26.46 -2.34
N GLN A 200 1.43 26.95 -2.63
CA GLN A 200 1.30 28.15 -3.44
C GLN A 200 2.11 29.32 -2.90
N GLU A 201 2.26 29.44 -1.58
CA GLU A 201 3.13 30.51 -1.03
C GLU A 201 4.57 30.41 -1.54
N PHE A 202 5.07 29.18 -1.64
CA PHE A 202 6.45 28.92 -2.07
C PHE A 202 6.59 29.18 -3.57
N ILE A 203 5.50 28.99 -4.30
CA ILE A 203 5.41 29.34 -5.72
C ILE A 203 5.36 30.87 -5.87
N ASN A 204 4.49 31.53 -5.12
CA ASN A 204 4.43 33.00 -5.10
C ASN A 204 5.79 33.64 -4.84
N ASN A 205 6.56 33.01 -3.96
CA ASN A 205 7.88 33.49 -3.54
C ASN A 205 9.01 33.17 -4.46
N LYS A 206 8.76 32.38 -5.50
CA LYS A 206 9.73 32.00 -6.52
C LYS A 206 10.74 31.00 -5.99
N LEU A 207 10.28 30.17 -4.69
CA LEU A 207 11.20 29.15 -4.22
C LEU A 207 11.10 27.89 -5.04
N ILE A 208 9.98 27.75 -5.73
CA ILE A 208 9.75 26.63 -6.65
C ILE A 208 8.75 27.11 -7.70
N SER A 209 8.95 26.71 -8.94
CA SER A 209 8.11 27.20 -10.04
C SER A 209 7.07 26.18 -10.40
N ASP A 210 6.02 26.65 -11.04
CA ASP A 210 4.95 25.80 -11.56
C ASP A 210 5.48 24.76 -12.53
N ALA A 211 6.42 25.16 -13.39
CA ALA A 211 6.99 24.25 -14.37
C ALA A 211 7.83 23.15 -13.72
N GLU A 212 8.60 23.51 -12.69
CA GLU A 212 9.35 22.51 -11.91
C GLU A 212 8.37 21.47 -11.41
N LEU A 213 7.11 22.14 -10.67
CA LEU A 213 6.21 21.15 -10.09
C LEU A 213 5.60 20.22 -11.12
N GLU A 214 5.36 20.68 -12.35
CA GLU A 214 4.80 19.81 -13.40
C GLU A 214 5.82 18.67 -13.74
N ALA A 215 7.11 18.98 -13.75
CA ALA A 215 8.11 17.97 -13.98
C ALA A 215 8.14 16.96 -12.82
N ILE A 216 8.01 17.46 -11.59
CA ILE A 216 7.97 16.56 -10.43
C ILE A 216 6.71 15.66 -10.47
N PHE A 217 5.56 16.18 -10.92
CA PHE A 217 4.34 15.39 -11.00
C PHE A 217 4.50 14.24 -11.98
N ASP A 218 5.04 14.55 -13.16
CA ASP A 218 5.36 13.53 -14.15
C ASP A 218 6.37 12.50 -13.63
N ARG A 219 7.36 12.98 -12.89
CA ARG A 219 8.34 12.08 -12.33
C ARG A 219 7.71 11.13 -11.31
N THR A 220 6.76 11.67 -10.55
CA THR A 220 6.05 10.92 -9.51
C THR A 220 5.25 9.80 -10.16
N VAL A 221 4.50 10.17 -11.19
CA VAL A 221 3.67 9.20 -11.87
C VAL A 221 4.54 8.08 -12.45
N ASN A 222 5.67 8.47 -13.04
CA ASN A 222 6.53 7.55 -13.77
C ASN A 222 7.65 6.92 -12.96
N THR A 223 7.65 7.08 -11.64
CA THR A 223 8.72 6.58 -10.81
C THR A 223 8.97 5.06 -10.91
N ALA A 224 7.95 4.22 -10.86
CA ALA A 224 8.19 2.79 -11.02
C ALA A 224 8.96 2.53 -12.32
N LEU A 225 8.52 3.14 -13.41
CA LEU A 225 9.16 2.98 -14.71
C LEU A 225 10.60 3.54 -14.75
N GLU A 226 10.82 4.68 -14.10
CA GLU A 226 12.14 5.24 -13.99
C GLU A 226 13.10 4.27 -13.26
N ILE A 227 12.68 3.70 -12.12
CA ILE A 227 13.48 2.72 -11.41
C ILE A 227 13.77 1.48 -12.27
N VAL A 228 12.78 1.00 -13.01
CA VAL A 228 12.91 -0.20 -13.85
C VAL A 228 13.85 0.07 -15.05
N ASN A 229 13.76 1.26 -15.64
CA ASN A 229 14.68 1.62 -16.70
C ASN A 229 16.11 1.84 -16.19
N LEU A 230 16.27 2.13 -14.89
CA LEU A 230 17.62 2.18 -14.30
C LEU A 230 18.13 0.79 -13.95
N HIS A 231 17.41 -0.25 -14.36
CA HIS A 231 17.80 -1.63 -14.12
C HIS A 231 17.76 -2.01 -12.63
N ALA A 232 16.80 -1.44 -11.91
CA ALA A 232 16.46 -1.91 -10.57
C ALA A 232 14.96 -2.18 -10.54
N SER A 233 14.42 -2.49 -9.38
CA SER A 233 12.96 -2.54 -9.23
C SER A 233 12.57 -2.04 -7.87
N PRO A 234 11.42 -1.40 -7.81
CA PRO A 234 10.95 -0.78 -6.57
C PRO A 234 10.45 -1.83 -5.58
N TYR A 235 11.07 -1.87 -4.42
CA TYR A 235 10.58 -2.73 -3.35
C TYR A 235 10.87 -2.24 -1.94
N VAL A 236 11.92 -1.44 -1.79
CA VAL A 236 12.23 -0.85 -0.50
C VAL A 236 11.16 0.12 -0.03
N ALA A 237 10.85 1.12 -0.84
CA ALA A 237 9.83 2.06 -0.45
C ALA A 237 8.44 1.43 -0.36
N PRO A 238 8.05 0.60 -1.34
CA PRO A 238 6.78 -0.12 -1.17
C PRO A 238 6.73 -0.78 0.20
N ALA A 239 7.82 -1.41 0.63
CA ALA A 239 7.85 -2.12 1.91
C ALA A 239 7.71 -1.15 3.07
N ALA A 240 8.44 -0.03 3.06
CA ALA A 240 8.35 0.91 4.18
C ALA A 240 6.93 1.50 4.32
N ALA A 241 6.32 1.79 3.18
CA ALA A 241 4.96 2.32 3.16
C ALA A 241 3.98 1.32 3.77
N ILE A 242 4.08 0.05 3.38
CA ILE A 242 3.19 -0.97 3.93
C ILE A 242 3.36 -1.11 5.41
N ILE A 243 4.61 -1.06 5.88
CA ILE A 243 4.87 -1.15 7.31
C ILE A 243 4.36 0.08 8.08
N GLU A 244 4.44 1.27 7.47
CA GLU A 244 3.84 2.42 8.10
C GLU A 244 2.33 2.21 8.32
N MET A 245 1.66 1.65 7.32
CA MET A 245 0.24 1.33 7.42
C MET A 245 -0.02 0.27 8.50
N ALA A 246 0.72 -0.81 8.45
CA ALA A 246 0.52 -1.92 9.37
C ALA A 246 0.79 -1.47 10.79
N GLU A 247 1.84 -0.66 10.94
CA GLU A 247 2.20 -0.16 12.25
C GLU A 247 1.09 0.75 12.85
N SER A 248 0.49 1.61 12.02
CA SER A 248 -0.60 2.45 12.48
C SER A 248 -1.77 1.65 13.04
N TYR A 249 -2.12 0.54 12.37
CA TYR A 249 -3.13 -0.40 12.87
C TYR A 249 -2.70 -1.07 14.17
N LEU A 250 -1.53 -1.71 14.14
CA LEU A 250 -1.04 -2.44 15.31
C LEU A 250 -0.91 -1.59 16.57
N LYS A 251 -0.44 -0.36 16.42
CA LYS A 251 -0.15 0.48 17.59
C LYS A 251 -1.25 1.52 17.82
N ASP A 252 -2.32 1.44 17.01
CA ASP A 252 -3.47 2.34 17.15
C ASP A 252 -2.99 3.79 17.10
N LEU A 253 -2.14 4.11 16.13
CA LEU A 253 -1.63 5.48 15.99
C LEU A 253 -2.65 6.46 15.45
N LYS A 254 -3.60 5.95 14.67
CA LYS A 254 -4.62 6.76 14.01
C LYS A 254 -4.01 7.79 13.03
N LYS A 255 -2.98 7.36 12.32
CA LYS A 255 -2.40 8.17 11.28
C LYS A 255 -3.34 8.32 10.10
N VAL A 256 -3.26 9.49 9.48
CA VAL A 256 -4.00 9.76 8.27
C VAL A 256 -3.09 9.31 7.14
N LEU A 257 -3.53 8.26 6.44
CA LEU A 257 -2.73 7.60 5.40
C LEU A 257 -3.63 7.33 4.18
N ILE A 258 -3.14 7.62 2.98
CA ILE A 258 -3.95 7.47 1.77
C ILE A 258 -3.80 6.03 1.31
N CYS A 259 -4.94 5.34 1.26
CA CYS A 259 -5.04 3.92 0.92
C CYS A 259 -6.25 3.64 0.05
N SER A 260 -6.20 2.51 -0.64
CA SER A 260 -7.35 2.01 -1.37
C SER A 260 -8.35 1.39 -0.40
N THR A 261 -9.56 1.91 -0.40
CA THR A 261 -10.60 1.48 0.52
C THR A 261 -11.93 1.45 -0.23
N LEU A 262 -12.90 0.73 0.30
CA LEU A 262 -14.24 0.69 -0.27
C LEU A 262 -14.92 2.07 -0.20
N LEU A 263 -15.28 2.58 -1.38
CA LEU A 263 -16.05 3.79 -1.53
C LEU A 263 -17.59 3.47 -1.41
N GLU A 264 -18.29 4.26 -0.61
CA GLU A 264 -19.73 4.19 -0.42
C GLU A 264 -20.36 5.58 -0.63
N GLY A 265 -20.04 6.23 -1.75
CA GLY A 265 -20.64 7.50 -2.09
C GLY A 265 -19.64 8.64 -2.21
N GLN A 266 -18.50 8.52 -1.54
CA GLN A 266 -17.46 9.54 -1.60
C GLN A 266 -17.06 9.73 -3.04
N TYR A 267 -16.97 11.00 -3.46
CA TYR A 267 -16.58 11.37 -4.82
C TYR A 267 -17.62 10.93 -5.87
N GLY A 268 -18.82 10.58 -5.44
CA GLY A 268 -19.88 10.11 -6.32
C GLY A 268 -19.78 8.65 -6.70
N HIS A 269 -18.94 7.90 -5.99
CA HIS A 269 -18.60 6.51 -6.36
C HIS A 269 -18.96 5.52 -5.26
N SER A 270 -19.60 4.43 -5.66
CA SER A 270 -19.88 3.29 -4.80
C SER A 270 -19.45 2.00 -5.45
N ASP A 271 -19.39 0.95 -4.64
CA ASP A 271 -19.18 -0.44 -5.05
C ASP A 271 -17.89 -0.63 -5.81
N ILE A 272 -16.78 0.21 -5.20
CA ILE A 272 -15.52 0.14 -5.90
C ILE A 272 -14.53 0.57 -4.84
N PHE A 273 -13.26 0.13 -4.98
CA PHE A 273 -12.17 0.62 -4.10
C PHE A 273 -11.40 1.70 -4.85
N GLY A 274 -10.99 2.75 -4.13
CA GLY A 274 -10.14 3.78 -4.67
C GLY A 274 -9.33 4.46 -3.56
N GLY A 275 -8.29 5.14 -4.00
CA GLY A 275 -7.35 5.77 -3.12
C GLY A 275 -7.92 7.04 -2.55
N THR A 276 -7.98 7.07 -1.21
CA THR A 276 -8.37 8.27 -0.46
C THR A 276 -7.73 8.26 0.93
N PRO A 277 -7.56 9.44 1.55
CA PRO A 277 -7.11 9.43 2.94
C PRO A 277 -8.12 8.71 3.85
N VAL A 278 -7.56 7.80 4.63
CA VAL A 278 -8.25 7.10 5.70
C VAL A 278 -7.47 7.26 7.01
N VAL A 279 -8.12 6.94 8.13
CA VAL A 279 -7.46 6.93 9.42
C VAL A 279 -7.32 5.46 9.83
N LEU A 280 -6.09 5.01 10.08
CA LEU A 280 -5.83 3.63 10.46
C LEU A 280 -5.51 3.53 11.96
N GLY A 281 -6.33 2.77 12.67
CA GLY A 281 -6.14 2.52 14.09
C GLY A 281 -6.49 1.12 14.49
N ALA A 282 -6.63 0.88 15.81
CA ALA A 282 -6.99 -0.45 16.32
C ALA A 282 -8.26 -1.04 15.71
N ASN A 283 -9.19 -0.20 15.24
CA ASN A 283 -10.39 -0.71 14.58
C ASN A 283 -10.29 -0.77 13.03
N GLY A 284 -9.07 -0.77 12.52
CA GLY A 284 -8.85 -0.79 11.09
C GLY A 284 -8.97 0.58 10.48
N VAL A 285 -9.71 0.63 9.38
CA VAL A 285 -10.14 1.88 8.80
C VAL A 285 -11.20 2.52 9.71
N GLU A 286 -10.76 3.48 10.54
CA GLU A 286 -11.66 4.13 11.49
C GLU A 286 -12.48 5.21 10.84
N GLN A 287 -11.93 5.90 9.70
CA GLN A 287 -12.61 6.99 9.05
C GLN A 287 -12.14 6.92 7.65
N VAL A 288 -13.08 7.16 6.73
CA VAL A 288 -12.75 7.43 5.34
C VAL A 288 -12.93 8.94 5.19
N ILE A 289 -11.86 9.63 4.77
CA ILE A 289 -11.92 11.07 4.57
C ILE A 289 -12.10 11.38 3.10
N GLU A 290 -13.12 12.16 2.82
CA GLU A 290 -13.44 12.56 1.47
C GLU A 290 -12.97 13.97 1.26
N LEU A 291 -12.01 14.14 0.36
CA LEU A 291 -11.51 15.44 0.02
C LEU A 291 -12.62 16.15 -0.73
N GLN A 292 -12.73 17.46 -0.52
CA GLN A 292 -13.76 18.28 -1.15
C GLN A 292 -13.21 18.81 -2.47
N LEU A 293 -13.10 17.87 -3.40
CA LEU A 293 -12.55 18.12 -4.71
C LEU A 293 -13.42 19.05 -5.53
N ASN A 294 -12.80 19.80 -6.44
CA ASN A 294 -13.56 20.60 -7.37
C ASN A 294 -13.88 19.72 -8.57
N SER A 295 -14.66 20.25 -9.51
CA SER A 295 -15.11 19.45 -10.64
C SER A 295 -13.94 18.98 -11.50
N GLU A 296 -12.87 19.76 -11.58
CA GLU A 296 -11.74 19.41 -12.44
C GLU A 296 -10.96 18.22 -11.83
N GLU A 297 -10.85 18.23 -10.50
CA GLU A 297 -10.13 17.18 -9.78
C GLU A 297 -10.99 15.91 -9.85
N LYS A 298 -12.30 16.06 -9.70
CA LYS A 298 -13.23 14.95 -9.73
C LYS A 298 -13.22 14.27 -11.09
N ALA A 299 -13.08 15.03 -12.17
CA ALA A 299 -13.04 14.43 -13.51
C ALA A 299 -11.90 13.43 -13.58
N LYS A 300 -10.75 13.81 -12.99
CA LYS A 300 -9.57 12.93 -13.00
C LYS A 300 -9.77 11.73 -12.09
N PHE A 301 -10.47 11.92 -10.97
CA PHE A 301 -10.81 10.85 -10.06
C PHE A 301 -11.64 9.85 -10.84
N ASP A 302 -12.62 10.35 -11.61
CA ASP A 302 -13.52 9.49 -12.39
C ASP A 302 -12.75 8.61 -13.39
N GLU A 303 -11.76 9.18 -14.06
CA GLU A 303 -10.93 8.42 -15.00
C GLU A 303 -10.20 7.29 -14.28
N ALA A 304 -9.72 7.57 -13.07
CA ALA A 304 -9.03 6.54 -12.28
C ALA A 304 -9.96 5.40 -11.99
N ILE A 305 -11.18 5.72 -11.52
CA ILE A 305 -12.16 4.71 -11.19
C ILE A 305 -12.53 3.89 -12.44
N ALA A 306 -12.70 4.57 -13.59
CA ALA A 306 -13.10 3.88 -14.82
C ALA A 306 -12.09 2.85 -15.23
N GLU A 307 -10.81 3.16 -15.06
CA GLU A 307 -9.75 2.24 -15.40
C GLU A 307 -9.73 1.02 -14.48
N THR A 308 -9.91 1.28 -13.18
CA THR A 308 -10.03 0.20 -12.21
C THR A 308 -11.18 -0.75 -12.61
N LYS A 309 -12.34 -0.17 -12.92
CA LYS A 309 -13.49 -0.91 -13.41
C LYS A 309 -13.25 -1.71 -14.69
N ARG A 310 -12.60 -1.11 -15.67
CA ARG A 310 -12.18 -1.81 -16.89
C ARG A 310 -11.36 -3.07 -16.58
N MET A 311 -10.34 -2.92 -15.72
CA MET A 311 -9.47 -4.04 -15.41
C MET A 311 -10.16 -5.09 -14.56
N LYS A 312 -11.05 -4.65 -13.66
CA LYS A 312 -11.79 -5.57 -12.81
C LYS A 312 -12.67 -6.47 -13.68
N ALA A 313 -13.30 -5.89 -14.69
CA ALA A 313 -14.16 -6.65 -15.61
C ALA A 313 -13.36 -7.73 -16.34
N LEU A 314 -12.14 -7.43 -16.75
CA LEU A 314 -11.26 -8.42 -17.36
C LEU A 314 -10.72 -9.49 -16.39
N ALA A 315 -10.72 -9.21 -15.08
CA ALA A 315 -10.22 -10.14 -14.05
C ALA A 315 -11.07 -11.40 -13.90
N HIS A 316 -12.37 -11.23 -14.09
CA HIS A 316 -13.32 -12.33 -13.97
C HIS A 316 -13.18 -13.19 -15.23
O31 BIH B . 5.91 0.14 -6.36
S3 BIH B . 5.56 1.11 -7.38
O32 BIH B . 4.59 2.09 -6.87
O3 BIH B . 6.74 1.73 -7.99
C2 BIH B . 4.76 0.24 -8.53
C1 BIH B . 5.32 -0.93 -9.06
C BIH B . 4.67 -1.73 -10.04
C8A BIH B . 3.42 -1.35 -10.52
C5 BIH B . 2.72 -2.09 -11.50
C4A BIH B . 2.81 -0.14 -9.96
C4 BIH B . 3.49 0.64 -9.01
C9 BIH B . 1.56 0.22 -10.44
C8 BIH B . 0.90 -0.53 -11.42
C7 BIH B . 1.45 -1.70 -11.95
S6 BIH B . 0.60 -2.58 -13.09
O6 BIH B . 0.69 -1.92 -14.40
O61 BIH B . 1.27 -3.87 -13.23
O1 BIH B . -0.79 -2.73 -12.67
#